data_8R8O
#
_entry.id   8R8O
#
_cell.length_a   122.360
_cell.length_b   122.360
_cell.length_c   165.620
_cell.angle_alpha   90.000
_cell.angle_beta   90.000
_cell.angle_gamma   120.000
#
_symmetry.space_group_name_H-M   'P 64 2 2'
#
loop_
_entity.id
_entity.type
_entity.pdbx_description
1 polymer HalluTIM3-1
2 non-polymer GLYCEROL
3 non-polymer 'SULFATE ION'
4 non-polymer 'CHLORIDE ION'
5 non-polymer 'ACETATE ION'
6 water water
#
_entity_poly.entity_id   1
_entity_poly.type   'polypeptide(L)'
_entity_poly.pdbx_seq_one_letter_code
;MDKDEAWKQVEQLRREGATRIAYRSDDWRDLKEAWKKGADILIVDASRLREAADAARAAGEATGDEELIAKAEAYRDEAW
KQVEQLRREGATEIAYRSDDWRDLKEAWKKGADILIVDGLRRGRIARELERLAKEEGDPALLAAAEAAREAAWKQVEQLR
REGATRIAYRSDDWRDLKEAWKKGADILIVDNRARLRRAEEEVAETGDPDNEELIRETRERAREEGWKQVEQLRREGATE
IAYRSDDWRDLKEAWKKGADILIVDATLEHHHHHH
;
_entity_poly.pdbx_strand_id   A
#
loop_
_chem_comp.id
_chem_comp.type
_chem_comp.name
_chem_comp.formula
ACT non-polymer 'ACETATE ION' 'C2 H3 O2 -1'
CL non-polymer 'CHLORIDE ION' 'Cl -1'
GOL non-polymer GLYCEROL 'C3 H8 O3'
SO4 non-polymer 'SULFATE ION' 'O4 S -2'
#
# COMPACT_ATOMS: atom_id res chain seq x y z
N TRP A 7 4.25 -3.42 17.92
CA TRP A 7 4.05 -2.36 18.88
C TRP A 7 4.94 -2.58 20.09
N LYS A 8 5.28 -3.85 20.35
CA LYS A 8 6.28 -4.17 21.36
C LYS A 8 7.67 -3.71 20.94
N GLN A 9 7.86 -3.39 19.66
CA GLN A 9 9.14 -2.88 19.17
C GLN A 9 8.96 -1.73 18.17
N VAL A 10 7.77 -1.16 18.07
CA VAL A 10 7.52 -0.04 17.17
C VAL A 10 7.65 1.31 17.88
N GLU A 11 7.54 1.34 19.22
CA GLU A 11 7.65 2.59 19.95
C GLU A 11 9.00 3.27 19.75
N GLN A 12 10.00 2.54 19.24
CA GLN A 12 11.26 3.19 18.87
C GLN A 12 11.04 4.24 17.81
N LEU A 13 10.16 3.97 16.84
CA LEU A 13 9.74 4.99 15.89
C LEU A 13 8.91 6.07 16.58
N ARG A 14 8.09 5.68 17.57
CA ARG A 14 7.36 6.66 18.36
C ARG A 14 8.30 7.50 19.22
N ARG A 15 9.52 7.02 19.48
CA ARG A 15 10.47 7.78 20.28
C ARG A 15 11.06 8.95 19.51
N GLU A 16 11.29 8.77 18.20
CA GLU A 16 11.91 9.78 17.36
C GLU A 16 10.88 10.28 16.36
N GLY A 17 10.49 11.55 16.49
CA GLY A 17 9.55 12.15 15.57
C GLY A 17 8.12 11.72 15.79
N ALA A 18 7.83 10.45 15.49
CA ALA A 18 6.52 9.85 15.74
C ALA A 18 5.41 10.51 14.95
N THR A 19 4.58 11.30 15.64
CA THR A 19 3.40 11.94 15.07
C THR A 19 2.45 10.93 14.43
N ARG A 20 2.73 10.51 13.21
CA ARG A 20 1.82 9.68 12.43
C ARG A 20 2.43 8.29 12.21
N ILE A 21 1.72 7.26 12.65
CA ILE A 21 2.10 5.88 12.44
C ILE A 21 0.91 5.13 11.87
N ALA A 22 1.11 4.47 10.74
CA ALA A 22 0.06 3.70 10.08
C ALA A 22 0.34 2.21 10.22
N TYR A 23 -0.73 1.44 10.42
CA TYR A 23 -0.63 -0.01 10.55
C TYR A 23 -1.44 -0.67 9.43
N ARG A 24 -0.77 -1.53 8.67
CA ARG A 24 -1.38 -2.21 7.54
C ARG A 24 -1.65 -3.67 7.91
N SER A 25 -2.92 -4.07 7.80
CA SER A 25 -3.29 -5.45 8.06
C SER A 25 -4.72 -5.68 7.59
N ASP A 26 -5.02 -6.94 7.25
CA ASP A 26 -6.38 -7.38 6.99
C ASP A 26 -6.89 -8.31 8.08
N ASP A 27 -6.11 -8.52 9.13
CA ASP A 27 -6.51 -9.40 10.23
C ASP A 27 -7.14 -8.57 11.34
N TRP A 28 -8.36 -8.95 11.73
CA TRP A 28 -9.11 -8.15 12.71
C TRP A 28 -8.40 -8.08 14.05
N ARG A 29 -7.82 -9.21 14.50
CA ARG A 29 -7.13 -9.20 15.80
C ARG A 29 -5.96 -8.22 15.80
N ASP A 30 -5.12 -8.29 14.76
CA ASP A 30 -4.00 -7.36 14.67
C ASP A 30 -4.48 -5.92 14.49
N LEU A 31 -5.59 -5.72 13.77
CA LEU A 31 -6.13 -4.37 13.59
C LEU A 31 -6.63 -3.81 14.92
N LYS A 32 -7.34 -4.63 15.71
CA LYS A 32 -7.82 -4.17 17.01
C LYS A 32 -6.67 -3.85 17.94
N GLU A 33 -5.68 -4.75 18.01
CA GLU A 33 -4.54 -4.51 18.88
C GLU A 33 -3.78 -3.25 18.47
N ALA A 34 -3.63 -3.03 17.16
CA ALA A 34 -2.98 -1.81 16.69
C ALA A 34 -3.80 -0.59 17.06
N TRP A 35 -5.12 -0.70 16.98
CA TRP A 35 -5.98 0.42 17.38
C TRP A 35 -5.79 0.76 18.86
N LYS A 36 -5.74 -0.26 19.71
CA LYS A 36 -5.54 -0.02 21.15
C LYS A 36 -4.12 0.45 21.44
N LYS A 37 -3.14 -0.01 20.67
CA LYS A 37 -1.75 0.37 20.92
C LYS A 37 -1.44 1.79 20.47
N GLY A 38 -2.37 2.46 19.79
CA GLY A 38 -2.18 3.83 19.40
C GLY A 38 -1.88 4.08 17.94
N ALA A 39 -2.19 3.15 17.04
CA ALA A 39 -2.00 3.39 15.62
C ALA A 39 -2.88 4.54 15.15
N ASP A 40 -2.27 5.48 14.44
CA ASP A 40 -3.00 6.66 13.98
C ASP A 40 -3.88 6.35 12.77
N ILE A 41 -3.44 5.44 11.91
CA ILE A 41 -4.17 5.08 10.70
C ILE A 41 -4.12 3.58 10.53
N LEU A 42 -5.26 2.96 10.26
CA LEU A 42 -5.33 1.55 9.91
C LEU A 42 -5.60 1.42 8.41
N ILE A 43 -4.77 0.65 7.73
CA ILE A 43 -4.85 0.47 6.28
C ILE A 43 -5.41 -0.92 6.01
N VAL A 44 -6.60 -0.97 5.44
CA VAL A 44 -7.30 -2.22 5.16
C VAL A 44 -7.54 -2.30 3.66
N ASP A 45 -7.32 -3.48 3.09
CA ASP A 45 -7.44 -3.70 1.66
C ASP A 45 -8.84 -4.22 1.37
N ALA A 46 -9.69 -3.37 0.78
CA ALA A 46 -11.05 -3.78 0.44
C ALA A 46 -11.07 -4.85 -0.65
N SER A 47 -10.04 -4.88 -1.52
CA SER A 47 -10.01 -5.89 -2.57
C SER A 47 -9.50 -7.23 -2.05
N ARG A 48 -8.52 -7.22 -1.15
CA ARG A 48 -8.06 -8.46 -0.53
C ARG A 48 -9.15 -9.08 0.34
N LEU A 49 -9.95 -8.23 1.00
CA LEU A 49 -11.08 -8.75 1.77
C LEU A 49 -12.17 -9.31 0.86
N ARG A 50 -12.33 -8.73 -0.34
CA ARG A 50 -13.34 -9.23 -1.26
C ARG A 50 -12.94 -10.58 -1.84
N GLU A 51 -11.67 -10.73 -2.22
CA GLU A 51 -11.21 -11.99 -2.81
C GLU A 51 -11.29 -13.13 -1.81
N ALA A 52 -11.00 -12.87 -0.53
CA ALA A 52 -11.19 -13.88 0.49
C ALA A 52 -12.67 -14.18 0.74
N ALA A 53 -13.56 -13.25 0.39
CA ALA A 53 -14.98 -13.48 0.57
C ALA A 53 -15.54 -14.37 -0.52
N ASP A 54 -15.31 -14.02 -1.79
N ASP A 54 -15.30 -14.02 -1.79
CA ASP A 54 -15.86 -14.82 -2.89
CA ASP A 54 -15.83 -14.80 -2.91
C ASP A 54 -15.29 -16.23 -2.93
C ASP A 54 -15.30 -16.23 -2.92
N ALA A 55 -14.23 -16.50 -2.18
CA ALA A 55 -13.68 -17.85 -2.07
C ALA A 55 -14.02 -18.53 -0.75
N ALA A 56 -14.58 -17.78 0.22
CA ALA A 56 -15.00 -18.39 1.47
C ALA A 56 -16.23 -19.26 1.26
N ARG A 57 -17.29 -18.69 0.69
CA ARG A 57 -18.48 -19.49 0.39
C ARG A 57 -18.20 -20.55 -0.66
N ALA A 58 -17.13 -20.39 -1.44
CA ALA A 58 -16.70 -21.48 -2.32
C ALA A 58 -16.20 -22.67 -1.52
N ALA A 59 -15.62 -22.43 -0.35
CA ALA A 59 -15.24 -23.54 0.53
C ALA A 59 -16.46 -24.19 1.15
N GLY A 60 -17.48 -23.39 1.51
CA GLY A 60 -18.71 -23.97 2.02
C GLY A 60 -19.41 -24.84 1.00
N GLU A 61 -19.26 -24.52 -0.29
CA GLU A 61 -19.84 -25.36 -1.33
C GLU A 61 -19.02 -26.63 -1.53
N ALA A 62 -17.73 -26.60 -1.23
CA ALA A 62 -16.85 -27.74 -1.42
C ALA A 62 -16.79 -28.66 -0.21
N THR A 63 -16.72 -28.09 1.00
CA THR A 63 -16.56 -28.90 2.19
C THR A 63 -17.80 -29.74 2.49
N GLY A 64 -18.98 -29.25 2.10
CA GLY A 64 -20.21 -29.94 2.42
C GLY A 64 -20.76 -29.49 3.75
N ASP A 65 -20.89 -28.17 3.91
CA ASP A 65 -21.27 -27.58 5.19
C ASP A 65 -22.25 -26.45 4.93
N GLU A 66 -23.25 -26.34 5.79
CA GLU A 66 -24.27 -25.30 5.68
C GLU A 66 -24.05 -24.14 6.65
N GLU A 67 -23.15 -24.30 7.63
CA GLU A 67 -22.81 -23.19 8.52
C GLU A 67 -22.26 -22.01 7.73
N LEU A 68 -21.67 -22.27 6.57
CA LEU A 68 -21.04 -21.25 5.75
C LEU A 68 -21.95 -20.74 4.64
N ILE A 69 -22.63 -21.64 3.92
CA ILE A 69 -23.57 -21.21 2.89
C ILE A 69 -24.78 -20.57 3.54
N ALA A 70 -25.40 -19.62 2.83
CA ALA A 70 -26.50 -18.76 3.26
C ALA A 70 -26.14 -17.89 4.45
N LYS A 71 -24.92 -17.99 4.97
CA LYS A 71 -24.44 -17.11 6.04
C LYS A 71 -23.20 -16.33 5.64
N ALA A 72 -22.72 -16.50 4.40
CA ALA A 72 -21.53 -15.78 3.96
C ALA A 72 -21.79 -14.28 3.88
N GLU A 73 -23.02 -13.88 3.55
CA GLU A 73 -23.35 -12.46 3.53
C GLU A 73 -23.29 -11.86 4.93
N ALA A 74 -23.54 -12.66 5.96
CA ALA A 74 -23.41 -12.17 7.32
C ALA A 74 -21.94 -12.01 7.71
N TYR A 75 -21.06 -12.84 7.16
CA TYR A 75 -19.63 -12.69 7.44
C TYR A 75 -19.08 -11.42 6.80
N ARG A 76 -19.46 -11.14 5.55
CA ARG A 76 -18.97 -9.96 4.86
C ARG A 76 -19.40 -8.68 5.58
N ASP A 77 -20.71 -8.57 5.87
CA ASP A 77 -21.21 -7.38 6.56
C ASP A 77 -20.58 -7.23 7.93
N GLU A 78 -20.29 -8.35 8.61
CA GLU A 78 -19.64 -8.29 9.91
C GLU A 78 -18.26 -7.64 9.82
N ALA A 79 -17.52 -7.95 8.76
CA ALA A 79 -16.19 -7.37 8.58
C ALA A 79 -16.26 -5.85 8.41
N TRP A 80 -17.25 -5.37 7.65
CA TRP A 80 -17.43 -3.93 7.50
C TRP A 80 -17.81 -3.28 8.83
N LYS A 81 -18.66 -3.94 9.61
CA LYS A 81 -19.22 -3.31 10.82
C LYS A 81 -18.15 -3.13 11.89
N GLN A 82 -17.34 -4.17 12.14
CA GLN A 82 -16.32 -4.07 13.18
C GLN A 82 -15.31 -2.97 12.88
N VAL A 83 -15.02 -2.72 11.60
CA VAL A 83 -14.12 -1.62 11.27
C VAL A 83 -14.81 -0.27 11.42
N GLU A 84 -16.06 -0.18 10.93
CA GLU A 84 -16.79 1.09 11.04
CA GLU A 84 -16.79 1.08 11.04
C GLU A 84 -17.06 1.45 12.50
N GLN A 85 -17.21 0.45 13.36
CA GLN A 85 -17.38 0.75 14.78
C GLN A 85 -16.11 1.36 15.37
N LEU A 86 -14.94 0.91 14.88
CA LEU A 86 -13.68 1.53 15.30
C LEU A 86 -13.60 2.99 14.84
N ARG A 87 -14.17 3.30 13.67
CA ARG A 87 -14.20 4.69 13.21
C ARG A 87 -14.93 5.58 14.20
N ARG A 88 -16.06 5.10 14.74
CA ARG A 88 -16.86 5.91 15.66
C ARG A 88 -16.13 6.12 16.98
N GLU A 89 -15.69 5.03 17.61
CA GLU A 89 -15.22 5.08 18.99
C GLU A 89 -13.94 5.89 19.19
N GLY A 90 -13.29 6.34 18.11
CA GLY A 90 -12.04 7.05 18.32
C GLY A 90 -11.69 7.97 17.18
N ALA A 91 -10.53 8.59 17.31
CA ALA A 91 -9.97 9.45 16.27
C ALA A 91 -9.07 8.71 15.31
N THR A 92 -8.83 7.41 15.55
CA THR A 92 -8.02 6.62 14.62
C THR A 92 -8.70 6.56 13.27
N GLU A 93 -7.93 6.85 12.22
CA GLU A 93 -8.47 6.91 10.87
C GLU A 93 -8.42 5.55 10.21
N ILE A 94 -9.43 5.26 9.39
CA ILE A 94 -9.49 4.03 8.62
C ILE A 94 -9.21 4.37 7.16
N ALA A 95 -8.18 3.75 6.59
CA ALA A 95 -7.83 3.92 5.18
C ALA A 95 -8.16 2.63 4.44
N TYR A 96 -9.03 2.74 3.44
CA TYR A 96 -9.38 1.61 2.60
C TYR A 96 -8.64 1.71 1.27
N ARG A 97 -8.10 0.57 0.82
CA ARG A 97 -7.25 0.52 -0.37
C ARG A 97 -7.81 -0.50 -1.35
N SER A 98 -7.74 -0.17 -2.64
CA SER A 98 -8.13 -1.08 -3.69
C SER A 98 -7.66 -0.54 -5.04
N ASP A 99 -7.50 -1.45 -5.99
CA ASP A 99 -7.29 -1.11 -7.39
C ASP A 99 -8.58 -1.19 -8.20
N ASP A 100 -9.70 -1.51 -7.55
CA ASP A 100 -10.97 -1.75 -8.23
C ASP A 100 -11.94 -0.63 -7.91
N TRP A 101 -12.56 -0.07 -8.96
CA TRP A 101 -13.39 1.12 -8.79
C TRP A 101 -14.61 0.84 -7.92
N ARG A 102 -15.27 -0.31 -8.15
CA ARG A 102 -16.45 -0.65 -7.34
C ARG A 102 -16.09 -0.81 -5.87
N ASP A 103 -14.90 -1.36 -5.59
CA ASP A 103 -14.45 -1.51 -4.21
C ASP A 103 -14.23 -0.15 -3.56
N LEU A 104 -13.71 0.82 -4.32
CA LEU A 104 -13.46 2.15 -3.76
C LEU A 104 -14.75 2.86 -3.42
N LYS A 105 -15.73 2.81 -4.34
CA LYS A 105 -17.03 3.43 -4.07
C LYS A 105 -17.75 2.73 -2.92
N GLU A 106 -17.59 1.41 -2.80
CA GLU A 106 -18.21 0.68 -1.70
C GLU A 106 -17.60 1.10 -0.37
N ALA A 107 -16.27 1.18 -0.31
CA ALA A 107 -15.60 1.65 0.91
C ALA A 107 -16.02 3.07 1.25
N TRP A 108 -16.16 3.92 0.24
CA TRP A 108 -16.64 5.28 0.47
C TRP A 108 -18.06 5.27 1.03
N LYS A 109 -18.92 4.41 0.49
CA LYS A 109 -20.28 4.30 1.02
C LYS A 109 -20.29 3.74 2.44
N LYS A 110 -19.47 2.72 2.70
CA LYS A 110 -19.45 2.11 4.03
C LYS A 110 -18.83 3.05 5.07
N GLY A 111 -17.97 3.96 4.65
CA GLY A 111 -17.32 4.86 5.58
C GLY A 111 -15.80 4.72 5.57
N ALA A 112 -15.11 5.78 5.14
CA ALA A 112 -13.66 5.74 5.06
C ALA A 112 -13.12 7.16 5.25
N ASP A 113 -12.05 7.28 6.05
CA ASP A 113 -11.38 8.56 6.19
C ASP A 113 -10.39 8.82 5.07
N ILE A 114 -9.79 7.76 4.53
CA ILE A 114 -8.84 7.86 3.42
C ILE A 114 -9.17 6.77 2.42
N LEU A 115 -9.25 7.14 1.15
CA LEU A 115 -9.38 6.18 0.06
C LEU A 115 -8.04 6.10 -0.67
N ILE A 116 -7.45 4.91 -0.69
CA ILE A 116 -6.13 4.70 -1.29
C ILE A 116 -6.32 4.04 -2.65
N VAL A 117 -6.06 4.79 -3.72
CA VAL A 117 -5.98 4.21 -5.05
C VAL A 117 -4.66 3.45 -5.16
N ASP A 118 -4.74 2.14 -5.32
CA ASP A 118 -3.55 1.28 -5.37
C ASP A 118 -3.03 1.24 -6.79
N GLY A 119 -1.89 1.90 -7.03
CA GLY A 119 -1.28 1.88 -8.35
C GLY A 119 0.03 1.12 -8.40
N LEU A 120 0.29 0.31 -7.38
CA LEU A 120 1.59 -0.36 -7.28
C LEU A 120 1.73 -1.43 -8.37
N ARG A 121 0.79 -2.37 -8.43
CA ARG A 121 0.88 -3.45 -9.40
CA ARG A 121 0.87 -3.45 -9.41
C ARG A 121 0.72 -2.92 -10.83
N ARG A 122 -0.30 -2.10 -11.06
CA ARG A 122 -0.52 -1.57 -12.40
C ARG A 122 0.65 -0.72 -12.86
N GLY A 123 1.27 0.02 -11.94
CA GLY A 123 2.44 0.80 -12.29
C GLY A 123 3.62 -0.07 -12.68
N ARG A 124 3.82 -1.18 -11.98
CA ARG A 124 4.90 -2.09 -12.33
C ARG A 124 4.63 -2.80 -13.64
N ILE A 125 3.38 -3.20 -13.88
CA ILE A 125 3.05 -3.86 -15.15
C ILE A 125 3.27 -2.90 -16.31
N ALA A 126 2.86 -1.64 -16.14
CA ALA A 126 3.11 -0.64 -17.16
C ALA A 126 4.60 -0.46 -17.42
N ARG A 127 5.40 -0.49 -16.35
CA ARG A 127 6.85 -0.32 -16.50
C ARG A 127 7.46 -1.47 -17.28
N GLU A 128 7.05 -2.71 -17.01
CA GLU A 128 7.59 -3.84 -17.75
CA GLU A 128 7.57 -3.85 -17.75
C GLU A 128 7.12 -3.84 -19.20
N LEU A 129 5.90 -3.35 -19.45
CA LEU A 129 5.42 -3.27 -20.83
C LEU A 129 6.16 -2.21 -21.62
N GLU A 130 6.42 -1.05 -21.00
CA GLU A 130 7.22 -0.01 -21.63
C GLU A 130 8.59 -0.54 -22.02
N ARG A 131 9.30 -1.15 -21.06
CA ARG A 131 10.65 -1.66 -21.34
C ARG A 131 10.60 -2.77 -22.39
N LEU A 132 9.56 -3.62 -22.33
CA LEU A 132 9.43 -4.66 -23.35
C LEU A 132 9.18 -4.05 -24.72
N ALA A 133 8.38 -2.99 -24.78
CA ALA A 133 8.13 -2.32 -26.04
C ALA A 133 9.40 -1.67 -26.59
N LYS A 134 10.20 -1.07 -25.70
CA LYS A 134 11.46 -0.49 -26.13
C LYS A 134 12.40 -1.54 -26.70
N GLU A 135 12.46 -2.71 -26.05
CA GLU A 135 13.30 -3.78 -26.56
C GLU A 135 12.83 -4.30 -27.91
N GLU A 136 11.51 -4.31 -28.14
CA GLU A 136 10.98 -4.76 -29.42
C GLU A 136 10.90 -3.65 -30.45
N GLY A 137 11.16 -2.41 -30.07
CA GLY A 137 10.97 -1.30 -30.99
C GLY A 137 9.55 -1.15 -31.45
N ASP A 138 8.59 -1.35 -30.55
CA ASP A 138 7.17 -1.31 -30.91
C ASP A 138 6.50 -0.10 -30.26
N PRO A 139 6.22 0.96 -31.02
CA PRO A 139 5.55 2.13 -30.41
C PRO A 139 4.12 1.86 -30.01
N ALA A 140 3.46 0.87 -30.60
CA ALA A 140 2.10 0.54 -30.19
C ALA A 140 2.07 -0.02 -28.77
N LEU A 141 3.04 -0.86 -28.43
CA LEU A 141 3.12 -1.39 -27.08
C LEU A 141 3.49 -0.30 -26.08
N LEU A 142 4.24 0.72 -26.51
CA LEU A 142 4.43 1.90 -25.68
C LEU A 142 3.08 2.49 -25.26
N ALA A 143 2.20 2.72 -26.22
CA ALA A 143 0.90 3.32 -25.91
C ALA A 143 0.07 2.40 -25.03
N ALA A 144 0.14 1.09 -25.28
CA ALA A 144 -0.50 0.14 -24.38
C ALA A 144 0.01 0.29 -22.96
N ALA A 145 1.33 0.40 -22.81
CA ALA A 145 1.92 0.48 -21.48
C ALA A 145 1.46 1.73 -20.74
N GLU A 146 1.32 2.86 -21.45
CA GLU A 146 0.93 4.10 -20.79
C GLU A 146 -0.50 4.03 -20.27
N ALA A 147 -1.40 3.39 -21.04
CA ALA A 147 -2.78 3.26 -20.57
C ALA A 147 -2.88 2.45 -19.28
N ALA A 148 -1.90 1.60 -18.99
CA ALA A 148 -1.95 0.81 -17.76
C ALA A 148 -1.77 1.69 -16.52
N ARG A 149 -1.00 2.77 -16.64
CA ARG A 149 -0.88 3.70 -15.51
CA ARG A 149 -0.88 3.71 -15.52
C ARG A 149 -2.08 4.64 -15.43
N GLU A 150 -2.53 5.17 -16.56
CA GLU A 150 -3.66 6.09 -16.57
C GLU A 150 -4.93 5.44 -16.02
N ALA A 151 -5.00 4.11 -16.03
CA ALA A 151 -6.15 3.43 -15.42
C ALA A 151 -6.23 3.72 -13.93
N ALA A 152 -5.09 3.92 -13.27
CA ALA A 152 -5.05 4.27 -11.86
C ALA A 152 -5.19 5.77 -11.63
N TRP A 153 -4.57 6.59 -12.49
CA TRP A 153 -4.68 8.03 -12.36
C TRP A 153 -6.12 8.49 -12.57
N LYS A 154 -6.83 7.85 -13.51
CA LYS A 154 -8.22 8.23 -13.76
C LYS A 154 -9.11 7.93 -12.56
N GLN A 155 -8.79 6.88 -11.78
CA GLN A 155 -9.53 6.63 -10.56
C GLN A 155 -9.31 7.75 -9.55
N VAL A 156 -8.09 8.29 -9.49
CA VAL A 156 -7.80 9.39 -8.59
C VAL A 156 -8.60 10.63 -8.99
N GLU A 157 -8.53 11.02 -10.26
CA GLU A 157 -9.19 12.25 -10.68
C GLU A 157 -10.71 12.10 -10.66
N GLN A 158 -11.23 10.88 -10.83
CA GLN A 158 -12.67 10.70 -10.72
C GLN A 158 -13.13 10.79 -9.27
N LEU A 159 -12.34 10.24 -8.34
CA LEU A 159 -12.64 10.45 -6.92
C LEU A 159 -12.58 11.93 -6.56
N ARG A 160 -11.63 12.66 -7.15
CA ARG A 160 -11.56 14.10 -6.93
C ARG A 160 -12.79 14.80 -7.49
N ARG A 161 -13.24 14.37 -8.68
CA ARG A 161 -14.40 15.02 -9.31
C ARG A 161 -15.69 14.77 -8.52
N GLU A 162 -15.83 13.59 -7.91
CA GLU A 162 -17.04 13.26 -7.18
C GLU A 162 -17.02 13.78 -5.74
N GLY A 163 -15.91 14.34 -5.28
CA GLY A 163 -15.85 15.01 -4.00
C GLY A 163 -15.18 14.25 -2.88
N ALA A 164 -14.36 13.24 -3.17
CA ALA A 164 -13.66 12.53 -2.11
C ALA A 164 -12.69 13.46 -1.40
N THR A 165 -12.65 13.37 -0.07
CA THR A 165 -11.88 14.33 0.73
C THR A 165 -10.40 13.99 0.74
N ARG A 166 -10.04 12.80 1.21
CA ARG A 166 -8.65 12.40 1.36
C ARG A 166 -8.39 11.25 0.38
N ILE A 167 -7.73 11.57 -0.73
CA ILE A 167 -7.38 10.58 -1.75
C ILE A 167 -5.89 10.29 -1.63
N ALA A 168 -5.54 9.02 -1.55
CA ALA A 168 -4.16 8.57 -1.47
C ALA A 168 -3.81 7.73 -2.68
N TYR A 169 -2.52 7.52 -2.89
CA TYR A 169 -2.02 6.77 -4.04
C TYR A 169 -0.76 6.01 -3.63
N ARG A 170 -0.72 4.72 -3.93
CA ARG A 170 0.43 3.88 -3.61
C ARG A 170 1.20 3.54 -4.88
N SER A 171 2.51 3.75 -4.84
CA SER A 171 3.40 3.36 -5.92
C SER A 171 4.79 3.19 -5.33
N ASP A 172 5.74 2.81 -6.17
CA ASP A 172 7.13 2.68 -5.75
C ASP A 172 8.03 3.72 -6.41
N ASP A 173 7.49 4.59 -7.24
CA ASP A 173 8.28 5.53 -8.03
C ASP A 173 7.67 6.93 -7.94
N TRP A 174 8.54 7.92 -7.74
CA TRP A 174 8.07 9.29 -7.53
C TRP A 174 7.38 9.89 -8.75
N ARG A 175 7.68 9.39 -9.95
CA ARG A 175 7.05 9.94 -11.15
C ARG A 175 5.58 9.57 -11.22
N ASP A 176 5.24 8.32 -10.87
CA ASP A 176 3.84 7.92 -10.80
C ASP A 176 3.11 8.68 -9.69
N LEU A 177 3.77 8.88 -8.56
CA LEU A 177 3.13 9.58 -7.44
C LEU A 177 2.95 11.06 -7.74
N LYS A 178 3.92 11.69 -8.41
CA LYS A 178 3.76 13.09 -8.77
C LYS A 178 2.60 13.28 -9.75
N GLU A 179 2.46 12.38 -10.72
CA GLU A 179 1.34 12.49 -11.66
C GLU A 179 0.01 12.26 -10.94
N ALA A 180 -0.04 11.28 -10.02
CA ALA A 180 -1.23 11.10 -9.21
C ALA A 180 -1.51 12.32 -8.35
N TRP A 181 -0.45 12.96 -7.83
CA TRP A 181 -0.62 14.19 -7.07
C TRP A 181 -1.26 15.27 -7.92
N LYS A 182 -0.85 15.38 -9.19
CA LYS A 182 -1.46 16.35 -10.08
C LYS A 182 -2.91 16.01 -10.40
N LYS A 183 -3.28 14.72 -10.30
CA LYS A 183 -4.64 14.29 -10.59
C LYS A 183 -5.59 14.47 -9.42
N GLY A 184 -5.07 14.75 -8.22
CA GLY A 184 -5.93 14.99 -7.07
C GLY A 184 -5.54 14.25 -5.82
N ALA A 185 -4.56 13.35 -5.93
CA ALA A 185 -4.11 12.61 -4.76
C ALA A 185 -3.30 13.53 -3.85
N ASP A 186 -3.65 13.53 -2.56
CA ASP A 186 -2.97 14.39 -1.60
C ASP A 186 -1.99 13.64 -0.70
N ILE A 187 -2.17 12.32 -0.55
CA ILE A 187 -1.29 11.50 0.27
C ILE A 187 -0.56 10.53 -0.66
N LEU A 188 0.76 10.68 -0.75
CA LEU A 188 1.58 9.89 -1.66
C LEU A 188 2.33 8.82 -0.87
N ILE A 189 2.02 7.56 -1.18
CA ILE A 189 2.56 6.42 -0.45
C ILE A 189 3.68 5.79 -1.27
N VAL A 190 4.88 5.72 -0.68
CA VAL A 190 6.02 5.06 -1.30
C VAL A 190 6.16 3.68 -0.66
N ASP A 191 6.15 2.63 -1.49
CA ASP A 191 6.29 1.25 -1.03
C ASP A 191 7.64 0.73 -1.49
N ASN A 192 8.54 0.48 -0.53
CA ASN A 192 9.91 0.10 -0.83
C ASN A 192 10.22 -1.35 -0.47
N ARG A 193 9.19 -2.17 -0.24
CA ARG A 193 9.43 -3.55 0.18
C ARG A 193 10.08 -4.38 -0.94
N ALA A 194 9.66 -4.14 -2.18
CA ALA A 194 10.17 -4.95 -3.29
C ALA A 194 11.66 -4.70 -3.53
N ARG A 195 12.10 -3.45 -3.36
CA ARG A 195 13.51 -3.14 -3.55
C ARG A 195 14.39 -3.88 -2.54
N LEU A 196 13.95 -3.92 -1.28
CA LEU A 196 14.69 -4.68 -0.28
C LEU A 196 14.63 -6.18 -0.57
N ARG A 197 13.47 -6.66 -1.04
CA ARG A 197 13.34 -8.07 -1.38
CA ARG A 197 13.34 -8.07 -1.38
C ARG A 197 14.29 -8.47 -2.51
N ARG A 198 14.33 -7.66 -3.57
CA ARG A 198 15.20 -7.98 -4.69
CA ARG A 198 15.20 -7.98 -4.69
C ARG A 198 16.67 -7.87 -4.30
N ALA A 199 17.01 -6.89 -3.46
CA ALA A 199 18.39 -6.75 -3.01
C ALA A 199 18.84 -7.97 -2.20
N GLU A 200 17.95 -8.50 -1.36
CA GLU A 200 18.29 -9.69 -0.58
C GLU A 200 18.33 -10.94 -1.44
N GLU A 201 17.50 -11.00 -2.49
CA GLU A 201 17.53 -12.15 -3.39
C GLU A 201 18.83 -12.20 -4.18
N GLU A 202 19.49 -11.07 -4.38
CA GLU A 202 20.71 -11.03 -5.17
C GLU A 202 21.92 -11.45 -4.37
N VAL A 203 21.98 -11.08 -3.08
CA VAL A 203 23.10 -11.53 -2.24
C VAL A 203 23.03 -13.03 -2.00
N ALA A 204 21.85 -13.63 -2.11
CA ALA A 204 21.73 -15.09 -1.97
C ALA A 204 22.26 -15.83 -3.19
N GLU A 205 22.37 -15.14 -4.34
CA GLU A 205 22.88 -15.74 -5.55
C GLU A 205 24.39 -15.60 -5.70
N THR A 206 25.04 -14.84 -4.82
CA THR A 206 26.48 -14.65 -4.91
C THR A 206 27.22 -15.91 -4.45
N GLY A 207 28.49 -15.99 -4.84
CA GLY A 207 29.33 -17.10 -4.41
C GLY A 207 29.60 -17.13 -2.92
N ASP A 208 29.40 -16.00 -2.24
CA ASP A 208 29.56 -15.91 -0.78
C ASP A 208 28.30 -15.26 -0.22
N PRO A 209 27.20 -16.01 -0.13
CA PRO A 209 25.95 -15.41 0.38
C PRO A 209 25.93 -15.22 1.88
N ASP A 210 26.75 -15.97 2.63
CA ASP A 210 26.84 -15.80 4.06
C ASP A 210 27.69 -14.59 4.47
N ASN A 211 28.24 -13.87 3.49
CA ASN A 211 29.09 -12.72 3.78
C ASN A 211 28.22 -11.64 4.42
N GLU A 212 28.39 -11.44 5.73
CA GLU A 212 27.60 -10.45 6.44
C GLU A 212 28.01 -9.03 6.11
N GLU A 213 29.17 -8.83 5.48
CA GLU A 213 29.60 -7.49 5.11
C GLU A 213 29.00 -7.06 3.78
N LEU A 214 28.93 -7.98 2.81
CA LEU A 214 28.44 -7.67 1.48
C LEU A 214 26.93 -7.51 1.40
N ILE A 215 26.19 -7.96 2.42
CA ILE A 215 24.75 -7.75 2.42
C ILE A 215 24.38 -6.38 2.99
N ARG A 216 25.20 -5.83 3.88
CA ARG A 216 24.88 -4.59 4.56
C ARG A 216 24.67 -3.45 3.57
N GLU A 217 25.64 -3.22 2.68
CA GLU A 217 25.54 -2.09 1.76
C GLU A 217 24.58 -2.36 0.61
N THR A 218 24.42 -3.64 0.21
CA THR A 218 23.47 -3.95 -0.85
C THR A 218 22.05 -3.64 -0.40
N ARG A 219 21.68 -4.07 0.82
CA ARG A 219 20.40 -3.66 1.39
C ARG A 219 20.35 -2.15 1.59
N GLU A 220 21.50 -1.53 1.88
CA GLU A 220 21.54 -0.08 2.05
C GLU A 220 21.26 0.63 0.73
N ARG A 221 21.89 0.17 -0.36
CA ARG A 221 21.64 0.77 -1.67
C ARG A 221 20.17 0.71 -2.04
N ALA A 222 19.49 -0.38 -1.68
CA ALA A 222 18.05 -0.46 -1.89
C ALA A 222 17.30 0.52 -1.00
N ARG A 223 17.86 0.85 0.16
CA ARG A 223 17.22 1.86 1.02
C ARG A 223 17.34 3.25 0.43
N GLU A 224 18.53 3.60 -0.09
CA GLU A 224 18.70 4.91 -0.70
C GLU A 224 17.81 5.09 -1.92
N GLU A 225 17.55 4.01 -2.66
CA GLU A 225 16.62 4.09 -3.79
C GLU A 225 15.21 4.42 -3.33
N GLY A 226 14.81 3.94 -2.16
CA GLY A 226 13.52 4.28 -1.60
C GLY A 226 13.48 5.71 -1.08
N TRP A 227 14.50 6.09 -0.31
CA TRP A 227 14.56 7.46 0.19
C TRP A 227 14.63 8.48 -0.95
N LYS A 228 15.26 8.09 -2.06
CA LYS A 228 15.34 8.98 -3.21
C LYS A 228 13.97 9.35 -3.75
N GLN A 229 13.02 8.41 -3.69
CA GLN A 229 11.65 8.74 -4.08
C GLN A 229 11.05 9.79 -3.15
N VAL A 230 11.36 9.69 -1.84
CA VAL A 230 10.84 10.65 -0.88
C VAL A 230 11.50 12.02 -1.06
N GLU A 231 12.82 12.03 -1.25
CA GLU A 231 13.53 13.29 -1.42
C GLU A 231 13.06 14.04 -2.66
N GLN A 232 12.86 13.30 -3.77
CA GLN A 232 12.43 13.95 -5.00
C GLN A 232 11.01 14.48 -4.88
N LEU A 233 10.12 13.74 -4.23
CA LEU A 233 8.77 14.23 -4.00
C LEU A 233 8.78 15.45 -3.08
N ARG A 234 9.73 15.52 -2.16
CA ARG A 234 9.84 16.70 -1.30
C ARG A 234 10.28 17.92 -2.08
N ARG A 235 11.16 17.74 -3.06
CA ARG A 235 11.56 18.85 -3.91
C ARG A 235 10.42 19.35 -4.79
N GLU A 236 9.56 18.43 -5.23
CA GLU A 236 8.43 18.82 -6.07
C GLU A 236 7.37 19.59 -5.29
N GLY A 237 7.40 19.54 -3.96
CA GLY A 237 6.47 20.28 -3.13
C GLY A 237 5.44 19.45 -2.39
N ALA A 238 5.57 18.13 -2.41
CA ALA A 238 4.59 17.27 -1.74
C ALA A 238 4.68 17.44 -0.23
N THR A 239 3.53 17.40 0.43
CA THR A 239 3.47 17.61 1.87
C THR A 239 3.35 16.29 2.62
N GLU A 240 2.23 15.60 2.47
CA GLU A 240 1.97 14.34 3.16
C GLU A 240 2.53 13.19 2.34
N ILE A 241 3.67 12.63 2.79
CA ILE A 241 4.33 11.51 2.13
C ILE A 241 4.36 10.34 3.11
N ALA A 242 3.93 9.17 2.64
CA ALA A 242 3.94 7.96 3.45
C ALA A 242 4.99 6.99 2.92
N TYR A 243 5.54 6.19 3.82
CA TYR A 243 6.62 5.26 3.50
C TYR A 243 6.29 3.89 4.04
N ARG A 244 6.34 2.88 3.16
CA ARG A 244 6.10 1.50 3.53
C ARG A 244 7.39 0.71 3.38
N SER A 245 7.77 0.01 4.45
CA SER A 245 8.98 -0.81 4.43
C SER A 245 8.95 -1.76 5.62
N ASP A 246 9.51 -2.96 5.41
CA ASP A 246 9.64 -3.94 6.48
C ASP A 246 11.03 -3.92 7.11
N ASP A 247 11.84 -2.90 6.80
CA ASP A 247 13.16 -2.74 7.37
C ASP A 247 13.14 -1.60 8.38
N TRP A 248 13.77 -1.82 9.53
CA TRP A 248 13.74 -0.83 10.61
C TRP A 248 14.46 0.46 10.19
N ARG A 249 15.71 0.32 9.72
CA ARG A 249 16.48 1.50 9.34
C ARG A 249 15.84 2.23 8.15
N ASP A 250 15.22 1.49 7.24
CA ASP A 250 14.57 2.11 6.09
C ASP A 250 13.44 3.03 6.53
N LEU A 251 12.63 2.59 7.49
CA LEU A 251 11.53 3.43 7.98
C LEU A 251 12.05 4.63 8.76
N LYS A 252 13.05 4.41 9.61
CA LYS A 252 13.54 5.48 10.48
C LYS A 252 14.15 6.62 9.67
N GLU A 253 15.03 6.30 8.73
CA GLU A 253 15.69 7.33 7.94
C GLU A 253 14.72 8.02 6.99
N ALA A 254 13.69 7.31 6.53
CA ALA A 254 12.72 7.93 5.63
C ALA A 254 11.97 9.06 6.32
N TRP A 255 11.83 8.99 7.65
CA TRP A 255 11.21 10.09 8.37
C TRP A 255 12.02 11.37 8.23
N LYS A 256 13.34 11.28 8.34
CA LYS A 256 14.19 12.45 8.22
C LYS A 256 14.27 12.96 6.79
N LYS A 257 13.93 12.13 5.80
CA LYS A 257 14.00 12.55 4.41
C LYS A 257 12.81 13.42 4.00
N GLY A 258 11.68 13.30 4.68
CA GLY A 258 10.51 14.10 4.35
C GLY A 258 9.20 13.35 4.49
N ALA A 259 9.27 12.07 4.83
CA ALA A 259 8.08 11.26 5.03
C ALA A 259 7.58 11.45 6.46
N ASP A 260 6.34 11.89 6.62
CA ASP A 260 5.74 12.10 7.92
C ASP A 260 4.73 11.03 8.29
N ILE A 261 4.52 10.02 7.45
CA ILE A 261 3.70 8.87 7.76
C ILE A 261 4.53 7.62 7.54
N LEU A 262 4.66 6.80 8.58
CA LEU A 262 5.38 5.53 8.50
C LEU A 262 4.38 4.39 8.61
N ILE A 263 4.40 3.48 7.64
CA ILE A 263 3.48 2.36 7.59
C ILE A 263 4.20 1.12 8.06
N VAL A 264 3.73 0.54 9.16
CA VAL A 264 4.28 -0.68 9.70
C VAL A 264 3.26 -1.81 9.51
N ASP A 265 3.71 -3.04 9.69
CA ASP A 265 2.84 -4.21 9.58
C ASP A 265 3.35 -5.27 10.55
N ALA A 266 2.76 -6.46 10.47
CA ALA A 266 3.12 -7.55 11.38
C ALA A 266 4.55 -8.03 11.18
N THR A 267 5.14 -7.80 10.00
CA THR A 267 6.52 -8.21 9.77
C THR A 267 7.49 -7.37 10.61
N LEU A 268 7.19 -6.10 10.81
CA LEU A 268 8.01 -5.23 11.64
C LEU A 268 7.92 -5.68 13.10
C1 GOL B . -16.24 -7.89 0.34
O1 GOL B . -15.95 -6.78 -0.47
C2 GOL B . -16.13 -7.44 1.81
O2 GOL B . -16.04 -8.52 2.68
C3 GOL B . -14.88 -6.54 1.88
O3 GOL B . -14.69 -6.20 3.22
C1 GOL C . 11.40 -3.23 -11.66
O1 GOL C . 10.07 -3.61 -11.40
C2 GOL C . 11.66 -1.92 -10.86
O2 GOL C . 12.06 -2.16 -9.56
C3 GOL C . 12.72 -1.13 -11.69
O3 GOL C . 13.92 -1.83 -11.59
S SO4 D . 0.31 -5.51 1.45
O1 SO4 D . 0.11 -4.06 1.38
O2 SO4 D . 1.05 -5.94 0.27
O3 SO4 D . 1.06 -5.84 2.65
O4 SO4 D . -1.00 -6.16 1.46
S SO4 E . -19.92 5.89 -10.64
O1 SO4 E . -20.57 6.94 -11.43
O2 SO4 E . -19.29 4.92 -11.54
O3 SO4 E . -18.91 6.49 -9.78
O4 SO4 E . -20.92 5.21 -9.81
S SO4 F . 28.55 -22.51 -8.79
O1 SO4 F . 29.03 -21.30 -8.11
O2 SO4 F . 29.29 -22.71 -10.03
O3 SO4 F . 28.75 -23.66 -7.91
O4 SO4 F . 27.13 -22.36 -9.09
CL CL G . 10.20 2.45 -29.35
CL CL H . 7.74 4.58 -13.43
CL CL I . -0.83 1.03 1.31
CL CL J . -13.17 10.16 1.67
C ACT K . -13.80 4.95 -13.51
O ACT K . -14.67 5.85 -13.61
OXT ACT K . -12.56 5.06 -13.35
CH3 ACT K . -14.32 3.47 -13.55
C ACT L . -0.03 19.92 -8.18
O ACT L . -0.13 19.64 -6.95
OXT ACT L . 1.01 20.18 -8.85
CH3 ACT L . -1.36 19.95 -8.99
C ACT M . -5.32 10.54 15.00
O ACT M . -5.67 9.48 14.42
OXT ACT M . -4.28 10.77 15.67
CH3 ACT M . -6.32 11.74 14.90
C ACT N . -21.07 9.23 -3.07
O ACT N . -20.79 10.46 -3.12
OXT ACT N . -21.38 8.52 -2.08
CH3 ACT N . -21.05 8.46 -4.44
#